data_5SCR
#
_entry.id   5SCR
#
_cell.length_a   29.910
_cell.length_b   67.480
_cell.length_c   78.650
_cell.angle_alpha   90.000
_cell.angle_beta   90.000
_cell.angle_gamma   90.000
#
_symmetry.space_group_name_H-M   'P 21 21 21'
#
loop_
_entity.id
_entity.type
_entity.pdbx_description
1 polymer 'Dihydrofolate reductase'
2 non-polymer 'NADP NICOTINAMIDE-ADENINE-DINUCLEOTIDE PHOSPHATE'
3 non-polymer '(2R)-3-(2-{3-[(2,4-diamino-6-ethylpyrimidin-5-yl)oxy]propoxy}phenyl)-2-methylpropanoic acid'
4 water water
#
_entity_poly.entity_id   1
_entity_poly.type   'polypeptide(L)'
_entity_poly.pdbx_seq_one_letter_code
;MGSSHHHHHHSSGLVPRGSHMVGLIWAQATSGVIGRGGDIPWRLPEDQAHFREITMGHTIVMGRRTWDSLPAKVRPLPGR
RNVVLSRQADFMASGAEVVGSLEEALTSPETWVIGGGQVYALALPYATRCEVTEVDIGLPREAGDALAPVLDETWRGETG
EWRFSRSGLRYRLYSYHRS
;
_entity_poly.pdbx_strand_id   A
#
# COMPACT_ATOMS: atom_id res chain seq x y z
N LEU A 14 -9.55 -12.91 16.83
CA LEU A 14 -9.36 -14.30 17.25
C LEU A 14 -8.73 -15.12 16.12
N VAL A 15 -7.52 -14.75 15.74
CA VAL A 15 -6.71 -15.53 14.81
C VAL A 15 -5.68 -16.29 15.62
N PRO A 16 -5.57 -17.60 15.47
CA PRO A 16 -4.54 -18.34 16.23
C PRO A 16 -3.16 -17.78 15.91
N ARG A 17 -2.30 -17.75 16.92
CA ARG A 17 -0.94 -17.25 16.75
C ARG A 17 -0.15 -18.19 15.85
N GLY A 18 0.87 -17.64 15.20
CA GLY A 18 1.85 -18.43 14.45
C GLY A 18 1.88 -18.19 12.96
N SER A 19 0.88 -17.55 12.38
CA SER A 19 0.86 -17.30 10.95
C SER A 19 1.35 -15.89 10.65
N HIS A 20 1.51 -15.60 9.36
CA HIS A 20 2.07 -14.33 8.87
C HIS A 20 1.15 -13.80 7.77
N MET A 21 0.25 -12.88 8.13
CA MET A 21 -0.67 -12.29 7.17
C MET A 21 0.04 -11.17 6.42
N VAL A 22 0.10 -11.30 5.09
CA VAL A 22 0.66 -10.25 4.23
C VAL A 22 -0.51 -9.61 3.48
N GLY A 23 -0.68 -8.30 3.66
CA GLY A 23 -1.71 -7.55 2.96
C GLY A 23 -1.08 -6.49 2.07
N LEU A 24 -1.80 -6.13 1.01
CA LEU A 24 -1.45 -4.98 0.19
C LEU A 24 -2.49 -3.91 0.41
N ILE A 25 -2.07 -2.66 0.46
CA ILE A 25 -3.03 -1.56 0.54
C ILE A 25 -2.58 -0.47 -0.40
N TRP A 26 -3.50 0.01 -1.25
CA TRP A 26 -3.19 1.08 -2.17
C TRP A 26 -4.46 1.86 -2.51
N ALA A 27 -4.27 3.05 -3.07
CA ALA A 27 -5.34 3.85 -3.62
C ALA A 27 -5.03 4.10 -5.09
N GLN A 28 -6.01 3.90 -5.96
CA GLN A 28 -5.80 4.01 -7.41
C GLN A 28 -6.91 4.82 -8.03
N ALA A 29 -6.55 5.57 -9.07
CA ALA A 29 -7.57 6.10 -9.96
C ALA A 29 -8.25 4.94 -10.67
N THR A 30 -9.38 5.24 -11.33
CA THR A 30 -10.09 4.22 -12.09
C THR A 30 -9.20 3.55 -13.13
N SER A 31 -8.26 4.31 -13.70
CA SER A 31 -7.38 3.76 -14.72
C SER A 31 -6.35 2.79 -14.17
N GLY A 32 -6.17 2.73 -12.85
CA GLY A 32 -5.12 1.94 -12.24
C GLY A 32 -3.89 2.72 -11.85
N VAL A 33 -3.81 4.00 -12.25
CA VAL A 33 -2.70 4.85 -11.86
C VAL A 33 -2.68 5.00 -10.34
N ILE A 34 -1.51 4.75 -9.74
CA ILE A 34 -1.30 5.02 -8.33
C ILE A 34 -0.23 6.06 -8.06
N GLY A 35 0.66 6.32 -9.01
CA GLY A 35 1.77 7.22 -8.75
C GLY A 35 2.20 7.93 -10.02
N ARG A 36 2.77 9.12 -9.85
CA ARG A 36 3.16 9.99 -10.96
C ARG A 36 4.05 11.09 -10.42
N GLY A 37 5.22 11.28 -11.02
CA GLY A 37 6.13 12.33 -10.57
C GLY A 37 6.58 12.18 -9.14
N GLY A 38 6.73 10.95 -8.66
CA GLY A 38 7.12 10.70 -7.29
C GLY A 38 6.08 11.05 -6.25
N ASP A 39 4.82 11.17 -6.64
CA ASP A 39 3.78 11.59 -5.71
C ASP A 39 2.53 10.78 -6.02
N ILE A 40 1.53 10.89 -5.16
CA ILE A 40 0.18 10.44 -5.45
C ILE A 40 -0.57 11.62 -6.06
N PRO A 41 -1.12 11.49 -7.28
CA PRO A 41 -1.64 12.67 -7.99
C PRO A 41 -3.01 13.13 -7.57
N TRP A 42 -3.35 12.94 -6.29
CA TRP A 42 -4.57 13.47 -5.72
C TRP A 42 -4.36 13.50 -4.21
N ARG A 43 -5.23 14.24 -3.52
CA ARG A 43 -5.20 14.26 -2.06
C ARG A 43 -6.57 13.85 -1.54
N LEU A 44 -6.59 12.92 -0.59
CA LEU A 44 -7.82 12.35 -0.06
C LEU A 44 -7.61 12.07 1.41
N PRO A 45 -7.74 13.09 2.27
CA PRO A 45 -7.52 12.89 3.71
C PRO A 45 -8.32 11.73 4.27
N GLU A 46 -9.53 11.52 3.77
CA GLU A 46 -10.33 10.37 4.17
C GLU A 46 -9.59 9.07 3.90
N ASP A 47 -8.89 8.98 2.76
CA ASP A 47 -8.14 7.77 2.48
C ASP A 47 -6.92 7.64 3.37
N GLN A 48 -6.28 8.75 3.73
CA GLN A 48 -5.17 8.69 4.68
C GLN A 48 -5.62 8.16 6.03
N ALA A 49 -6.80 8.58 6.49
CA ALA A 49 -7.33 8.07 7.75
C ALA A 49 -7.58 6.57 7.66
N HIS A 50 -8.14 6.12 6.53
CA HIS A 50 -8.43 4.70 6.33
C HIS A 50 -7.16 3.90 6.25
N PHE A 51 -6.16 4.44 5.55
CA PHE A 51 -4.85 3.80 5.47
C PHE A 51 -4.23 3.66 6.85
N ARG A 52 -4.30 4.71 7.66
CA ARG A 52 -3.77 4.63 9.03
C ARG A 52 -4.49 3.55 9.82
N GLU A 53 -5.82 3.50 9.71
CA GLU A 53 -6.60 2.55 10.49
C GLU A 53 -6.26 1.10 10.12
N ILE A 54 -6.11 0.81 8.83
CA ILE A 54 -5.78 -0.56 8.42
C ILE A 54 -4.40 -0.96 8.93
N THR A 55 -3.41 -0.09 8.76
CA THR A 55 -2.02 -0.46 9.00
C THR A 55 -1.56 -0.29 10.44
N MET A 56 -2.32 0.42 11.27
CA MET A 56 -1.83 0.81 12.58
C MET A 56 -1.46 -0.41 13.42
N GLY A 57 -0.30 -0.33 14.07
CA GLY A 57 0.13 -1.38 14.97
C GLY A 57 0.81 -2.54 14.30
N HIS A 58 0.98 -2.50 12.98
CA HIS A 58 1.56 -3.59 12.22
C HIS A 58 2.83 -3.12 11.53
N THR A 59 3.58 -4.07 11.00
CA THR A 59 4.72 -3.75 10.14
C THR A 59 4.21 -3.23 8.79
N ILE A 60 4.89 -2.21 8.26
CA ILE A 60 4.61 -1.67 6.93
C ILE A 60 5.89 -1.77 6.11
N VAL A 61 5.76 -2.29 4.89
CA VAL A 61 6.89 -2.47 3.97
C VAL A 61 6.67 -1.57 2.77
N MET A 62 7.70 -0.82 2.38
CA MET A 62 7.58 0.06 1.23
C MET A 62 8.87 0.05 0.43
N GLY A 63 8.75 0.36 -0.85
CA GLY A 63 9.94 0.56 -1.66
C GLY A 63 10.63 1.86 -1.31
N ARG A 64 11.91 1.92 -1.69
CA ARG A 64 12.70 3.12 -1.41
C ARG A 64 12.08 4.36 -2.04
N ARG A 65 11.46 4.24 -3.21
CA ARG A 65 10.86 5.44 -3.79
C ARG A 65 9.66 5.91 -2.99
N THR A 66 8.90 4.98 -2.41
CA THR A 66 7.77 5.37 -1.58
C THR A 66 8.25 6.02 -0.28
N TRP A 67 9.34 5.50 0.30
CA TRP A 67 9.96 6.19 1.43
C TRP A 67 10.34 7.61 1.04
N ASP A 68 10.99 7.77 -0.12
CA ASP A 68 11.37 9.11 -0.56
C ASP A 68 10.16 9.99 -0.76
N SER A 69 8.99 9.41 -1.06
CA SER A 69 7.82 10.22 -1.37
C SER A 69 7.14 10.77 -0.12
N LEU A 70 7.47 10.23 1.06
CA LEU A 70 6.93 10.74 2.32
C LEU A 70 7.72 11.97 2.74
N PRO A 71 7.07 13.07 3.11
CA PRO A 71 7.81 14.23 3.60
C PRO A 71 8.66 13.85 4.80
N ALA A 72 9.81 14.51 4.91
CA ALA A 72 10.75 14.18 5.98
C ALA A 72 10.12 14.28 7.35
N LYS A 73 9.15 15.18 7.52
CA LYS A 73 8.60 15.44 8.85
C LYS A 73 7.53 14.45 9.29
N VAL A 74 7.11 13.53 8.41
CA VAL A 74 6.08 12.55 8.75
C VAL A 74 6.64 11.14 8.87
N ARG A 75 7.87 10.91 8.44
CA ARG A 75 8.43 9.56 8.44
C ARG A 75 9.44 9.43 9.57
N PRO A 76 9.56 8.23 10.18
CA PRO A 76 8.80 7.01 9.86
C PRO A 76 7.36 7.13 10.32
N LEU A 77 6.45 6.43 9.67
CA LEU A 77 5.05 6.55 10.03
C LEU A 77 4.83 6.00 11.43
N PRO A 78 4.17 6.75 12.32
CA PRO A 78 4.14 6.38 13.75
C PRO A 78 3.29 5.15 14.02
N GLY A 79 3.64 4.44 15.10
CA GLY A 79 2.86 3.30 15.57
C GLY A 79 3.00 2.04 14.73
N ARG A 80 3.95 2.01 13.79
CA ARG A 80 4.16 0.91 12.87
C ARG A 80 5.65 0.69 12.71
N ARG A 81 6.08 -0.57 12.62
CA ARG A 81 7.45 -0.84 12.24
C ARG A 81 7.62 -0.55 10.76
N ASN A 82 8.46 0.43 10.42
CA ASN A 82 8.66 0.82 9.02
C ASN A 82 9.80 0.02 8.43
N VAL A 83 9.55 -0.65 7.30
CA VAL A 83 10.59 -1.42 6.60
C VAL A 83 10.70 -0.91 5.16
N VAL A 84 11.92 -0.60 4.74
CA VAL A 84 12.18 -0.02 3.43
C VAL A 84 13.01 -1.00 2.60
N LEU A 85 12.55 -1.27 1.39
CA LEU A 85 13.21 -2.20 0.48
C LEU A 85 14.09 -1.43 -0.48
N SER A 86 15.38 -1.75 -0.51
CA SER A 86 16.33 -1.08 -1.38
C SER A 86 17.44 -2.06 -1.75
N ARG A 87 18.07 -1.81 -2.90
CA ARG A 87 19.31 -2.51 -3.26
C ARG A 87 20.54 -1.76 -2.82
N GLN A 88 20.38 -0.57 -2.24
CA GLN A 88 21.50 0.22 -1.74
C GLN A 88 21.69 -0.15 -0.28
N ALA A 89 22.73 -0.95 0.00
CA ALA A 89 22.97 -1.38 1.38
C ALA A 89 23.13 -0.18 2.31
N ASP A 90 23.69 0.92 1.86
CA ASP A 90 23.97 2.03 2.75
C ASP A 90 22.84 3.06 2.78
N PHE A 91 21.66 2.72 2.26
CA PHE A 91 20.58 3.70 2.22
C PHE A 91 20.20 4.14 3.62
N MET A 92 19.96 5.44 3.78
CA MET A 92 19.67 6.05 5.07
C MET A 92 18.17 6.33 5.19
N ALA A 93 17.47 5.55 6.02
CA ALA A 93 16.05 5.74 6.32
C ALA A 93 15.95 5.86 7.84
N SER A 94 16.10 7.08 8.34
CA SER A 94 16.13 7.31 9.78
C SER A 94 14.85 6.80 10.42
N GLY A 95 14.99 5.86 11.35
CA GLY A 95 13.86 5.30 12.04
C GLY A 95 13.20 4.12 11.37
N ALA A 96 13.74 3.65 10.24
CA ALA A 96 13.21 2.48 9.56
C ALA A 96 14.28 1.42 9.43
N GLU A 97 13.83 0.18 9.21
CA GLU A 97 14.68 -0.92 8.84
C GLU A 97 14.84 -0.95 7.32
N VAL A 98 16.04 -1.19 6.83
CA VAL A 98 16.31 -1.30 5.40
C VAL A 98 16.67 -2.75 5.10
N VAL A 99 15.98 -3.36 4.14
CA VAL A 99 16.21 -4.73 3.75
C VAL A 99 16.45 -4.76 2.25
N GLY A 100 17.15 -5.81 1.80
CA GLY A 100 17.52 -5.98 0.42
C GLY A 100 16.69 -7.00 -0.34
N SER A 101 15.69 -7.60 0.31
CA SER A 101 14.74 -8.49 -0.33
C SER A 101 13.55 -8.61 0.60
N LEU A 102 12.47 -9.20 0.08
CA LEU A 102 11.28 -9.42 0.89
C LEU A 102 11.41 -10.61 1.82
N GLU A 103 12.50 -11.39 1.70
CA GLU A 103 12.63 -12.63 2.44
C GLU A 103 12.50 -12.40 3.94
N GLU A 104 13.11 -11.34 4.48
CA GLU A 104 13.06 -11.09 5.90
C GLU A 104 12.20 -9.89 6.26
N ALA A 105 11.47 -9.33 5.30
CA ALA A 105 10.53 -8.24 5.55
C ALA A 105 9.17 -8.72 6.02
N LEU A 106 8.85 -10.00 5.85
CA LEU A 106 7.48 -10.49 6.04
C LEU A 106 7.37 -11.43 7.23
N THR A 107 8.13 -11.15 8.29
CA THR A 107 8.21 -12.07 9.42
C THR A 107 7.23 -11.79 10.55
N SER A 108 6.53 -10.66 10.52
CA SER A 108 5.60 -10.28 11.57
C SER A 108 4.31 -11.09 11.45
N PRO A 109 3.48 -11.10 12.50
CA PRO A 109 2.16 -11.77 12.36
C PRO A 109 1.32 -11.14 11.27
N GLU A 110 1.51 -9.85 11.00
CA GLU A 110 0.70 -9.13 10.04
C GLU A 110 1.56 -8.03 9.43
N THR A 111 1.71 -8.05 8.11
CA THR A 111 2.54 -7.07 7.39
C THR A 111 1.70 -6.42 6.30
N TRP A 112 1.74 -5.09 6.20
CA TRP A 112 1.05 -4.38 5.14
C TRP A 112 2.07 -3.80 4.18
N VAL A 113 1.98 -4.17 2.91
CA VAL A 113 2.81 -3.59 1.86
C VAL A 113 2.11 -2.33 1.38
N ILE A 114 2.76 -1.18 1.56
CA ILE A 114 2.12 0.11 1.33
C ILE A 114 2.62 0.77 0.05
N GLY A 115 3.29 0.03 -0.83
CA GLY A 115 3.70 0.55 -2.12
C GLY A 115 5.19 0.56 -2.36
N GLY A 116 5.61 1.01 -3.54
CA GLY A 116 4.70 1.43 -4.59
C GLY A 116 4.57 0.37 -5.66
N GLY A 117 4.58 0.78 -6.92
CA GLY A 117 4.30 -0.14 -8.01
C GLY A 117 5.17 -1.38 -7.99
N GLN A 118 6.50 -1.19 -7.87
CA GLN A 118 7.41 -2.34 -7.91
C GLN A 118 7.18 -3.26 -6.72
N VAL A 119 7.01 -2.70 -5.53
CA VAL A 119 6.91 -3.59 -4.38
C VAL A 119 5.59 -4.35 -4.34
N TYR A 120 4.48 -3.75 -4.80
CA TYR A 120 3.25 -4.53 -4.91
C TYR A 120 3.47 -5.79 -5.74
N ALA A 121 4.17 -5.66 -6.87
CA ALA A 121 4.35 -6.83 -7.73
C ALA A 121 5.23 -7.88 -7.07
N LEU A 122 6.21 -7.44 -6.28
N LEU A 122 6.18 -7.43 -6.26
CA LEU A 122 7.06 -8.38 -5.55
CA LEU A 122 7.07 -8.33 -5.55
C LEU A 122 6.28 -9.15 -4.51
C LEU A 122 6.33 -9.12 -4.47
N ALA A 123 5.40 -8.47 -3.76
CA ALA A 123 4.73 -9.08 -2.62
C ALA A 123 3.41 -9.75 -2.94
N LEU A 124 2.78 -9.40 -4.06
CA LEU A 124 1.51 -9.99 -4.42
C LEU A 124 1.46 -11.51 -4.26
N PRO A 125 2.47 -12.30 -4.67
CA PRO A 125 2.35 -13.76 -4.54
C PRO A 125 2.13 -14.24 -3.13
N TYR A 126 2.54 -13.49 -2.11
CA TYR A 126 2.38 -13.90 -0.72
C TYR A 126 1.17 -13.27 -0.04
N ALA A 127 0.46 -12.38 -0.71
CA ALA A 127 -0.63 -11.64 -0.07
C ALA A 127 -1.92 -12.44 -0.02
N THR A 128 -2.64 -12.31 1.10
CA THR A 128 -3.98 -12.86 1.25
C THR A 128 -5.05 -11.79 1.51
N ARG A 129 -4.67 -10.52 1.60
CA ARG A 129 -5.61 -9.43 1.71
C ARG A 129 -5.16 -8.28 0.81
N CYS A 130 -6.12 -7.58 0.24
CA CYS A 130 -5.86 -6.32 -0.43
C CYS A 130 -6.92 -5.34 0.03
N GLU A 131 -6.48 -4.15 0.45
CA GLU A 131 -7.39 -3.06 0.78
C GLU A 131 -7.19 -2.00 -0.28
N VAL A 132 -8.21 -1.79 -1.13
CA VAL A 132 -8.10 -0.92 -2.28
C VAL A 132 -9.03 0.26 -2.10
N THR A 133 -8.51 1.47 -2.32
CA THR A 133 -9.33 2.66 -2.49
C THR A 133 -9.40 3.00 -3.98
N GLU A 134 -10.60 3.06 -4.52
CA GLU A 134 -10.80 3.49 -5.90
C GLU A 134 -11.25 4.95 -5.89
N VAL A 135 -10.51 5.80 -6.58
CA VAL A 135 -10.77 7.24 -6.61
C VAL A 135 -11.29 7.57 -7.99
N ASP A 136 -12.49 8.16 -8.04
CA ASP A 136 -13.13 8.45 -9.32
C ASP A 136 -12.53 9.74 -9.89
N ILE A 137 -11.28 9.62 -10.31
CA ILE A 137 -10.58 10.69 -11.00
C ILE A 137 -10.15 10.16 -12.36
N GLY A 138 -10.37 10.97 -13.40
CA GLY A 138 -9.97 10.55 -14.72
C GLY A 138 -8.52 10.86 -14.98
N LEU A 139 -7.65 9.88 -14.79
CA LEU A 139 -6.22 10.02 -15.07
C LEU A 139 -5.79 8.88 -15.98
N PRO A 140 -5.83 9.08 -17.29
CA PRO A 140 -5.32 8.05 -18.21
C PRO A 140 -3.84 7.79 -17.95
N ARG A 141 -3.44 6.54 -18.10
CA ARG A 141 -2.06 6.16 -17.83
C ARG A 141 -1.10 6.90 -18.76
N GLU A 142 0.05 7.28 -18.23
CA GLU A 142 1.08 7.97 -18.98
C GLU A 142 2.40 7.27 -18.75
N ALA A 143 3.35 7.53 -19.64
CA ALA A 143 4.68 6.93 -19.50
C ALA A 143 5.30 7.32 -18.17
N GLY A 144 5.79 6.32 -17.44
CA GLY A 144 6.42 6.55 -16.16
C GLY A 144 5.50 6.43 -14.95
N ASP A 145 4.19 6.36 -15.16
CA ASP A 145 3.26 6.20 -14.05
C ASP A 145 3.52 4.90 -13.30
N ALA A 146 3.27 4.94 -11.99
CA ALA A 146 3.19 3.71 -11.20
C ALA A 146 1.75 3.22 -11.24
N LEU A 147 1.57 1.90 -11.44
CA LEU A 147 0.26 1.30 -11.63
C LEU A 147 -0.05 0.29 -10.54
N ALA A 148 -1.34 0.12 -10.25
CA ALA A 148 -1.79 -0.90 -9.30
C ALA A 148 -1.62 -2.30 -9.90
N PRO A 149 -1.44 -3.31 -9.06
CA PRO A 149 -1.54 -4.69 -9.54
C PRO A 149 -2.93 -4.95 -10.08
N VAL A 150 -3.02 -5.84 -11.05
CA VAL A 150 -4.29 -6.32 -11.57
C VAL A 150 -4.57 -7.64 -10.89
N LEU A 151 -5.60 -7.68 -10.04
CA LEU A 151 -5.85 -8.91 -9.31
C LEU A 151 -6.41 -9.98 -10.24
N ASP A 152 -6.13 -11.24 -9.92
CA ASP A 152 -6.66 -12.33 -10.73
C ASP A 152 -7.90 -12.89 -10.05
N GLU A 153 -8.41 -14.00 -10.60
CA GLU A 153 -9.70 -14.53 -10.17
C GLU A 153 -9.65 -15.24 -8.82
N THR A 154 -8.46 -15.46 -8.24
CA THR A 154 -8.40 -16.08 -6.92
C THR A 154 -8.88 -15.15 -5.82
N TRP A 155 -8.97 -13.85 -6.09
CA TRP A 155 -9.34 -12.88 -5.08
C TRP A 155 -10.85 -12.70 -5.04
N ARG A 156 -11.40 -12.60 -3.84
CA ARG A 156 -12.81 -12.32 -3.66
C ARG A 156 -12.95 -11.21 -2.63
N GLY A 157 -14.01 -10.43 -2.73
CA GLY A 157 -14.13 -9.37 -1.75
C GLY A 157 -15.42 -8.61 -1.84
N GLU A 158 -15.49 -7.54 -1.06
CA GLU A 158 -16.67 -6.68 -0.98
C GLU A 158 -16.34 -5.33 -1.58
N THR A 159 -17.31 -4.77 -2.29
CA THR A 159 -17.23 -3.45 -2.88
C THR A 159 -18.07 -2.50 -2.04
N GLY A 160 -17.43 -1.47 -1.51
CA GLY A 160 -18.15 -0.51 -0.70
C GLY A 160 -18.92 0.49 -1.54
N GLU A 161 -19.79 1.24 -0.86
CA GLU A 161 -20.55 2.31 -1.51
C GLU A 161 -19.63 3.48 -1.88
N TRP A 162 -19.93 4.13 -3.00
CA TRP A 162 -19.29 5.41 -3.30
C TRP A 162 -19.58 6.41 -2.20
N ARG A 163 -18.60 7.27 -1.92
CA ARG A 163 -18.74 8.32 -0.94
C ARG A 163 -17.99 9.56 -1.43
N PHE A 164 -18.52 10.73 -1.10
CA PHE A 164 -17.88 12.00 -1.42
C PHE A 164 -16.92 12.38 -0.30
N SER A 165 -15.68 12.70 -0.68
CA SER A 165 -14.78 13.34 0.24
C SER A 165 -15.16 14.81 0.39
N ARG A 166 -14.53 15.46 1.37
CA ARG A 166 -14.78 16.88 1.59
C ARG A 166 -14.39 17.71 0.37
N SER A 167 -13.38 17.29 -0.38
CA SER A 167 -13.02 18.01 -1.60
C SER A 167 -14.05 17.82 -2.71
N GLY A 168 -15.00 16.89 -2.56
CA GLY A 168 -15.93 16.57 -3.62
C GLY A 168 -15.48 15.46 -4.55
N LEU A 169 -14.29 14.91 -4.34
CA LEU A 169 -13.88 13.70 -5.05
C LEU A 169 -14.65 12.51 -4.52
N ARG A 170 -15.05 11.63 -5.42
CA ARG A 170 -15.80 10.43 -5.11
C ARG A 170 -14.84 9.27 -4.98
N TYR A 171 -15.07 8.39 -4.01
CA TYR A 171 -14.17 7.26 -3.78
C TYR A 171 -14.95 6.11 -3.16
N ARG A 172 -14.39 4.90 -3.27
CA ARG A 172 -14.97 3.76 -2.58
C ARG A 172 -13.88 2.77 -2.19
N LEU A 173 -14.21 1.93 -1.21
CA LEU A 173 -13.25 1.00 -0.61
C LEU A 173 -13.61 -0.43 -1.03
N TYR A 174 -12.61 -1.18 -1.48
CA TYR A 174 -12.74 -2.61 -1.76
C TYR A 174 -11.89 -3.37 -0.74
N SER A 175 -12.46 -4.41 -0.13
N SER A 175 -12.46 -4.43 -0.15
CA SER A 175 -11.73 -5.30 0.76
CA SER A 175 -11.75 -5.30 0.78
C SER A 175 -11.71 -6.68 0.12
C SER A 175 -11.71 -6.70 0.16
N TYR A 176 -10.54 -7.14 -0.29
CA TYR A 176 -10.36 -8.43 -0.94
C TYR A 176 -9.60 -9.40 -0.04
N HIS A 177 -9.86 -10.69 -0.22
N HIS A 177 -9.92 -10.69 -0.18
CA HIS A 177 -9.15 -11.72 0.52
CA HIS A 177 -9.27 -11.77 0.57
C HIS A 177 -9.07 -12.98 -0.32
C HIS A 177 -9.05 -12.96 -0.35
N ARG A 178 -8.09 -13.82 0.01
CA ARG A 178 -7.96 -15.14 -0.58
C ARG A 178 -7.26 -16.07 0.40
N SER A 179 -7.39 -17.37 0.17
CA SER A 179 -6.79 -18.36 1.08
C SER A 179 -5.26 -18.37 1.01
#